data_247D
# 
_entry.id   247D 
# 
_audit_conform.dict_name       mmcif_pdbx.dic 
_audit_conform.dict_version    5.387 
_audit_conform.dict_location   http://mmcif.pdb.org/dictionaries/ascii/mmcif_pdbx.dic 
# 
loop_
_database_2.database_id 
_database_2.database_code 
_database_2.pdbx_database_accession 
_database_2.pdbx_DOI 
PDB   247D         pdb_0000247d 10.2210/pdb247d/pdb 
RCSB  UHK045       ?            ?                   
WWPDB D_1000177645 ?            ?                   
# 
loop_
_pdbx_audit_revision_history.ordinal 
_pdbx_audit_revision_history.data_content_type 
_pdbx_audit_revision_history.major_revision 
_pdbx_audit_revision_history.minor_revision 
_pdbx_audit_revision_history.revision_date 
1 'Structure model' 1 0 1996-03-08 
2 'Structure model' 1 1 2008-05-22 
3 'Structure model' 1 2 2011-07-13 
4 'Structure model' 2 0 2024-02-14 
# 
_pdbx_audit_revision_details.ordinal             1 
_pdbx_audit_revision_details.revision_ordinal    1 
_pdbx_audit_revision_details.data_content_type   'Structure model' 
_pdbx_audit_revision_details.provider            repository 
_pdbx_audit_revision_details.type                'Initial release' 
_pdbx_audit_revision_details.description         ? 
_pdbx_audit_revision_details.details             ? 
# 
loop_
_pdbx_audit_revision_group.ordinal 
_pdbx_audit_revision_group.revision_ordinal 
_pdbx_audit_revision_group.data_content_type 
_pdbx_audit_revision_group.group 
1 2 'Structure model' 'Version format compliance' 
2 3 'Structure model' 'Version format compliance' 
3 4 'Structure model' 'Atomic model'              
4 4 'Structure model' 'Data collection'           
5 4 'Structure model' 'Database references'       
# 
loop_
_pdbx_audit_revision_category.ordinal 
_pdbx_audit_revision_category.revision_ordinal 
_pdbx_audit_revision_category.data_content_type 
_pdbx_audit_revision_category.category 
1 4 'Structure model' atom_site      
2 4 'Structure model' chem_comp_atom 
3 4 'Structure model' chem_comp_bond 
4 4 'Structure model' database_2     
# 
loop_
_pdbx_audit_revision_item.ordinal 
_pdbx_audit_revision_item.revision_ordinal 
_pdbx_audit_revision_item.data_content_type 
_pdbx_audit_revision_item.item 
1 4 'Structure model' '_atom_site.occupancy'                
2 4 'Structure model' '_database_2.pdbx_DOI'                
3 4 'Structure model' '_database_2.pdbx_database_accession' 
# 
_pdbx_database_status.status_code                     REL 
_pdbx_database_status.entry_id                        247D 
_pdbx_database_status.recvd_initial_deposition_date   1996-02-02 
_pdbx_database_status.deposit_site                    NDB 
_pdbx_database_status.process_site                    NDB 
_pdbx_database_status.SG_entry                        . 
_pdbx_database_status.pdb_format_compatible           Y 
_pdbx_database_status.status_code_mr                  ? 
_pdbx_database_status.status_code_sf                  ? 
_pdbx_database_status.status_code_cs                  ? 
_pdbx_database_status.status_code_nmr_data            ? 
_pdbx_database_status.methods_development_category    ? 
# 
loop_
_audit_author.name 
_audit_author.pdbx_ordinal 
'Portmann, S.' 1 
'Grimm, S.'    2 
'Workman, C.'  3 
'Usman, N.'    4 
'Egli, M.'     5 
# 
_citation.id                        primary 
_citation.title                     
'Crystal structures of an A-form duplex with single-adenosine bulges and a conformational basis for site-specific RNA self-cleavage.' 
_citation.journal_abbrev            Chem.Biol. 
_citation.journal_volume            3 
_citation.page_first                173 
_citation.page_last                 184 
_citation.year                      1996 
_citation.journal_id_ASTM           CBOLE2 
_citation.country                   UK 
_citation.journal_id_ISSN           1074-5521 
_citation.journal_id_CSD            2050 
_citation.book_publisher            ? 
_citation.pdbx_database_id_PubMed   8807843 
_citation.pdbx_database_id_DOI      '10.1016/S1074-5521(96)90260-4' 
# 
loop_
_citation_author.citation_id 
_citation_author.name 
_citation_author.ordinal 
_citation_author.identifier_ORCID 
primary 'Portmann, S.' 1 ? 
primary 'Grimm, S.'    2 ? 
primary 'Workman, C.'  3 ? 
primary 'Usman, N.'    4 ? 
primary 'Egli, M.'     5 ? 
# 
loop_
_entity.id 
_entity.type 
_entity.src_method 
_entity.pdbx_description 
_entity.formula_weight 
_entity.pdbx_number_of_molecules 
_entity.pdbx_ec 
_entity.pdbx_mutation 
_entity.pdbx_fragment 
_entity.details 
1 polymer syn 
;DNA/RNA (5'-R(*GP*CP*GP*)-D(*AP*TP*AP*TP*AP*)-R(*CP*GP*C)-3')
;
3454.211 1  ? ? ? ? 
2 water   nat water                                                           18.015   23 ? ? ? ? 
# 
_entity_poly.entity_id                      1 
_entity_poly.type                           'polydeoxyribonucleotide/polyribonucleotide hybrid' 
_entity_poly.nstd_linkage                   no 
_entity_poly.nstd_monomer                   no 
_entity_poly.pdbx_seq_one_letter_code       'GCG(DA)(DT)(DA)(DT)(DA)CGC' 
_entity_poly.pdbx_seq_one_letter_code_can   GCGATATACGC 
_entity_poly.pdbx_strand_id                 A 
_entity_poly.pdbx_target_identifier         ? 
# 
_pdbx_entity_nonpoly.entity_id   2 
_pdbx_entity_nonpoly.name        water 
_pdbx_entity_nonpoly.comp_id     HOH 
# 
loop_
_entity_poly_seq.entity_id 
_entity_poly_seq.num 
_entity_poly_seq.mon_id 
_entity_poly_seq.hetero 
1 1  G  n 
1 2  C  n 
1 3  G  n 
1 4  DA n 
1 5  DT n 
1 6  DA n 
1 7  DT n 
1 8  DA n 
1 9  C  n 
1 10 G  n 
1 11 C  n 
# 
loop_
_chem_comp.id 
_chem_comp.type 
_chem_comp.mon_nstd_flag 
_chem_comp.name 
_chem_comp.pdbx_synonyms 
_chem_comp.formula 
_chem_comp.formula_weight 
C   'RNA linking' y "CYTIDINE-5'-MONOPHOSPHATE"          ? 'C9 H14 N3 O8 P'  323.197 
DA  'DNA linking' y "2'-DEOXYADENOSINE-5'-MONOPHOSPHATE" ? 'C10 H14 N5 O6 P' 331.222 
DT  'DNA linking' y "THYMIDINE-5'-MONOPHOSPHATE"         ? 'C10 H15 N2 O8 P' 322.208 
G   'RNA linking' y "GUANOSINE-5'-MONOPHOSPHATE"         ? 'C10 H14 N5 O8 P' 363.221 
HOH non-polymer   . WATER                                ? 'H2 O'            18.015  
# 
loop_
_pdbx_poly_seq_scheme.asym_id 
_pdbx_poly_seq_scheme.entity_id 
_pdbx_poly_seq_scheme.seq_id 
_pdbx_poly_seq_scheme.mon_id 
_pdbx_poly_seq_scheme.ndb_seq_num 
_pdbx_poly_seq_scheme.pdb_seq_num 
_pdbx_poly_seq_scheme.auth_seq_num 
_pdbx_poly_seq_scheme.pdb_mon_id 
_pdbx_poly_seq_scheme.auth_mon_id 
_pdbx_poly_seq_scheme.pdb_strand_id 
_pdbx_poly_seq_scheme.pdb_ins_code 
_pdbx_poly_seq_scheme.hetero 
A 1 1  G  1  1  1  G  G A . n 
A 1 2  C  2  2  2  C  C A . n 
A 1 3  G  3  3  3  G  G A . n 
A 1 4  DA 4  4  4  DA A A . n 
A 1 5  DT 5  5  5  DT T A . n 
A 1 6  DA 6  6  6  DA A A . n 
A 1 7  DT 7  7  7  DT T A . n 
A 1 8  DA 8  8  8  DA A A . n 
A 1 9  C  9  9  9  C  C A . n 
A 1 10 G  10 10 10 G  G A . n 
A 1 11 C  11 11 11 C  C A . n 
# 
loop_
_pdbx_nonpoly_scheme.asym_id 
_pdbx_nonpoly_scheme.entity_id 
_pdbx_nonpoly_scheme.mon_id 
_pdbx_nonpoly_scheme.ndb_seq_num 
_pdbx_nonpoly_scheme.pdb_seq_num 
_pdbx_nonpoly_scheme.auth_seq_num 
_pdbx_nonpoly_scheme.pdb_mon_id 
_pdbx_nonpoly_scheme.auth_mon_id 
_pdbx_nonpoly_scheme.pdb_strand_id 
_pdbx_nonpoly_scheme.pdb_ins_code 
B 2 HOH 1  12 12 HOH HOH A . 
B 2 HOH 2  13 13 HOH HOH A . 
B 2 HOH 3  14 14 HOH HOH A . 
B 2 HOH 4  15 15 HOH HOH A . 
B 2 HOH 5  16 16 HOH HOH A . 
B 2 HOH 6  17 17 HOH HOH A . 
B 2 HOH 7  18 18 HOH HOH A . 
B 2 HOH 8  19 19 HOH HOH A . 
B 2 HOH 9  20 20 HOH HOH A . 
B 2 HOH 10 21 21 HOH HOH A . 
B 2 HOH 11 22 22 HOH HOH A . 
B 2 HOH 12 23 23 HOH HOH A . 
B 2 HOH 13 24 24 HOH HOH A . 
B 2 HOH 14 25 25 HOH HOH A . 
B 2 HOH 15 26 26 HOH HOH A . 
B 2 HOH 16 27 27 HOH HOH A . 
B 2 HOH 17 28 28 HOH HOH A . 
B 2 HOH 18 29 29 HOH HOH A . 
B 2 HOH 19 30 30 HOH HOH A . 
B 2 HOH 20 31 31 HOH HOH A . 
B 2 HOH 21 32 32 HOH HOH A . 
B 2 HOH 22 33 33 HOH HOH A . 
B 2 HOH 23 34 34 HOH HOH A . 
# 
loop_
_software.name 
_software.classification 
_software.version 
_software.citation_id 
_software.pdbx_ordinal 
X-PLOR refinement       . ? 1 
R-AXIS 'data reduction' . ? 2 
# 
_cell.entry_id           247D 
_cell.length_a           27.245 
_cell.length_b           27.245 
_cell.length_c           177.399 
_cell.angle_alpha        90.00 
_cell.angle_beta         90.00 
_cell.angle_gamma        120.00 
_cell.Z_PDB              12 
_cell.pdbx_unique_axis   ? 
# 
_symmetry.entry_id                         247D 
_symmetry.space_group_name_H-M             'P 65 2 2' 
_symmetry.pdbx_full_space_group_name_H-M   ? 
_symmetry.cell_setting                     ? 
_symmetry.Int_Tables_number                179 
# 
_exptl.entry_id          247D 
_exptl.method            'X-RAY DIFFRACTION' 
_exptl.crystals_number   ? 
# 
_exptl_crystal.id                    1 
_exptl_crystal.density_meas          ? 
_exptl_crystal.density_Matthews      2.75 
_exptl_crystal.density_percent_sol   55.29 
_exptl_crystal.description           ? 
# 
_exptl_crystal_grow.crystal_id      1 
_exptl_crystal_grow.method          'VAPOR DIFFUSION' 
_exptl_crystal_grow.temp            ? 
_exptl_crystal_grow.temp_details    ? 
_exptl_crystal_grow.pH              7.40 
_exptl_crystal_grow.pdbx_details    'pH 7.40, VAPOR DIFFUSION' 
_exptl_crystal_grow.pdbx_pH_range   ? 
# 
loop_
_exptl_crystal_grow_comp.crystal_id 
_exptl_crystal_grow_comp.id 
_exptl_crystal_grow_comp.sol_id 
_exptl_crystal_grow_comp.name 
_exptl_crystal_grow_comp.volume 
_exptl_crystal_grow_comp.conc 
_exptl_crystal_grow_comp.details 
1 1 1 WATER           ? ? ? 
1 2 1 'NA CACODYLATE' ? ? ? 
1 3 1 SPERMINE        ? ? ? 
1 4 1 MGCL2           ? ? ? 
1 5 2 WATER           ? ? ? 
1 6 2 MPD             ? ? ? 
# 
_diffrn.id                     1 
_diffrn.ambient_temp           ? 
_diffrn.ambient_temp_details   'ROOM TEMPERATURE' 
_diffrn.crystal_id             1 
# 
_diffrn_detector.diffrn_id              1 
_diffrn_detector.detector               'IMAGE PLATE' 
_diffrn_detector.type                   'RIGAKU RAXIS II' 
_diffrn_detector.pdbx_collection_date   1994-06-13 
_diffrn_detector.details                ? 
# 
_diffrn_radiation.diffrn_id                        1 
_diffrn_radiation.wavelength_id                    1 
_diffrn_radiation.pdbx_monochromatic_or_laue_m_l   ? 
_diffrn_radiation.monochromator                    ? 
_diffrn_radiation.pdbx_diffrn_protocol             ? 
_diffrn_radiation.pdbx_scattering_type             x-ray 
# 
_diffrn_radiation_wavelength.id           1 
_diffrn_radiation_wavelength.wavelength   . 
_diffrn_radiation_wavelength.wt           1.0 
# 
_diffrn_source.diffrn_id                   1 
_diffrn_source.source                      ? 
_diffrn_source.type                        ? 
_diffrn_source.pdbx_synchrotron_site       ? 
_diffrn_source.pdbx_synchrotron_beamline   ? 
_diffrn_source.pdbx_wavelength             ? 
_diffrn_source.pdbx_wavelength_list        ? 
# 
_reflns.entry_id                     247D 
_reflns.observed_criterion_sigma_I   ? 
_reflns.observed_criterion_sigma_F   ? 
_reflns.d_resolution_low             23.570 
_reflns.d_resolution_high            2.800 
_reflns.number_obs                   1035 
_reflns.number_all                   18394 
_reflns.percent_possible_obs         82.000 
_reflns.pdbx_Rmerge_I_obs            0.0750000 
_reflns.pdbx_Rsym_value              ? 
_reflns.pdbx_netI_over_sigmaI        ? 
_reflns.B_iso_Wilson_estimate        ? 
_reflns.pdbx_redundancy              ? 
_reflns.pdbx_diffrn_id               1 
_reflns.pdbx_ordinal                 1 
# 
_refine.entry_id                                 247D 
_refine.ls_number_reflns_obs                     989 
_refine.ls_number_reflns_all                     ? 
_refine.pdbx_ls_sigma_I                          ? 
_refine.pdbx_ls_sigma_F                          2.000 
_refine.pdbx_data_cutoff_high_absF               ? 
_refine.pdbx_data_cutoff_low_absF                ? 
_refine.pdbx_data_cutoff_high_rms_absF           ? 
_refine.ls_d_res_low                             10.000 
_refine.ls_d_res_high                            2.800 
_refine.ls_percent_reflns_obs                    ? 
_refine.ls_R_factor_obs                          0.1870000 
_refine.ls_R_factor_all                          ? 
_refine.ls_R_factor_R_work                       0.1870000 
_refine.ls_R_factor_R_free                       ? 
_refine.ls_R_factor_R_free_error                 ? 
_refine.ls_R_factor_R_free_error_details         ? 
_refine.ls_percent_reflns_R_free                 ? 
_refine.ls_number_reflns_R_free                  ? 
_refine.ls_number_parameters                     ? 
_refine.ls_number_restraints                     ? 
_refine.occupancy_min                            ? 
_refine.occupancy_max                            ? 
_refine.B_iso_mean                               ? 
_refine.aniso_B[1][1]                            ? 
_refine.aniso_B[2][2]                            ? 
_refine.aniso_B[3][3]                            ? 
_refine.aniso_B[1][2]                            ? 
_refine.aniso_B[1][3]                            ? 
_refine.aniso_B[2][3]                            ? 
_refine.solvent_model_details                    ? 
_refine.solvent_model_param_ksol                 ? 
_refine.solvent_model_param_bsol                 ? 
_refine.pdbx_ls_cross_valid_method               ? 
_refine.details                                  ? 
_refine.pdbx_starting_model                      ? 
_refine.pdbx_method_to_determine_struct          ? 
_refine.pdbx_isotropic_thermal_model             ? 
_refine.pdbx_stereochemistry_target_values       ? 
_refine.pdbx_stereochem_target_val_spec_case     ? 
_refine.pdbx_R_Free_selection_details            ? 
_refine.pdbx_overall_ESU_R                       ? 
_refine.pdbx_overall_ESU_R_Free                  ? 
_refine.overall_SU_ML                            ? 
_refine.overall_SU_B                             ? 
_refine.pdbx_refine_id                           'X-RAY DIFFRACTION' 
_refine.pdbx_diffrn_id                           1 
_refine.pdbx_TLS_residual_ADP_flag               ? 
_refine.correlation_coeff_Fo_to_Fc               ? 
_refine.correlation_coeff_Fo_to_Fc_free          ? 
_refine.pdbx_solvent_vdw_probe_radii             ? 
_refine.pdbx_solvent_ion_probe_radii             ? 
_refine.pdbx_solvent_shrinkage_radii             ? 
_refine.pdbx_overall_phase_error                 ? 
_refine.overall_SU_R_Cruickshank_DPI             ? 
_refine.pdbx_overall_SU_R_free_Cruickshank_DPI   ? 
_refine.pdbx_overall_SU_R_Blow_DPI               ? 
_refine.pdbx_overall_SU_R_free_Blow_DPI          ? 
# 
_refine_hist.pdbx_refine_id                   'X-RAY DIFFRACTION' 
_refine_hist.cycle_id                         LAST 
_refine_hist.pdbx_number_atoms_protein        0 
_refine_hist.pdbx_number_atoms_nucleic_acid   229 
_refine_hist.pdbx_number_atoms_ligand         0 
_refine_hist.number_atoms_solvent             23 
_refine_hist.number_atoms_total               252 
_refine_hist.d_res_high                       2.800 
_refine_hist.d_res_low                        10.000 
# 
loop_
_refine_ls_restr.type 
_refine_ls_restr.dev_ideal 
_refine_ls_restr.dev_ideal_target 
_refine_ls_restr.weight 
_refine_ls_restr.number 
_refine_ls_restr.pdbx_refine_id 
_refine_ls_restr.pdbx_restraint_function 
x_bond_d                0.015 ? ? ? 'X-RAY DIFFRACTION' ? 
x_bond_d_na             ?     ? ? ? 'X-RAY DIFFRACTION' ? 
x_bond_d_prot           ?     ? ? ? 'X-RAY DIFFRACTION' ? 
x_angle_d               ?     ? ? ? 'X-RAY DIFFRACTION' ? 
x_angle_d_na            ?     ? ? ? 'X-RAY DIFFRACTION' ? 
x_angle_d_prot          ?     ? ? ? 'X-RAY DIFFRACTION' ? 
x_angle_deg             1.95  ? ? ? 'X-RAY DIFFRACTION' ? 
x_angle_deg_na          ?     ? ? ? 'X-RAY DIFFRACTION' ? 
x_angle_deg_prot        ?     ? ? ? 'X-RAY DIFFRACTION' ? 
x_dihedral_angle_d      ?     ? ? ? 'X-RAY DIFFRACTION' ? 
x_dihedral_angle_d_na   ?     ? ? ? 'X-RAY DIFFRACTION' ? 
x_dihedral_angle_d_prot ?     ? ? ? 'X-RAY DIFFRACTION' ? 
x_improper_angle_d      ?     ? ? ? 'X-RAY DIFFRACTION' ? 
x_improper_angle_d_na   ?     ? ? ? 'X-RAY DIFFRACTION' ? 
x_improper_angle_d_prot ?     ? ? ? 'X-RAY DIFFRACTION' ? 
x_mcbond_it             ?     ? ? ? 'X-RAY DIFFRACTION' ? 
x_mcangle_it            ?     ? ? ? 'X-RAY DIFFRACTION' ? 
x_scbond_it             ?     ? ? ? 'X-RAY DIFFRACTION' ? 
x_scangle_it            ?     ? ? ? 'X-RAY DIFFRACTION' ? 
# 
_struct.entry_id                  247D 
_struct.title                     
'CRYSTAL STRUCTURES OF AN A-FORM DUPLEX WITH SINGLE-ADENOSINE BULGES AND A CONFORMATIONAL BASIS FOR SITE SPECIFIC RNA SELF-CLEAVAGE' 
_struct.pdbx_model_details        ? 
_struct.pdbx_CASP_flag            ? 
_struct.pdbx_model_type_details   ? 
# 
_struct_keywords.entry_id        247D 
_struct_keywords.pdbx_keywords   DNA/RNA 
_struct_keywords.text            'A-DNA/RNA, DOUBLE HELIX, BULGES, DNA-RNA complex' 
# 
loop_
_struct_asym.id 
_struct_asym.pdbx_blank_PDB_chainid_flag 
_struct_asym.pdbx_modified 
_struct_asym.entity_id 
_struct_asym.details 
A N N 1 ? 
B N N 2 ? 
# 
_struct_ref.id                         1 
_struct_ref.entity_id                  1 
_struct_ref.db_name                    PDB 
_struct_ref.db_code                    247D 
_struct_ref.pdbx_db_accession          247D 
_struct_ref.pdbx_db_isoform            ? 
_struct_ref.pdbx_seq_one_letter_code   ? 
_struct_ref.pdbx_align_begin           ? 
# 
_struct_ref_seq.align_id                      1 
_struct_ref_seq.ref_id                        1 
_struct_ref_seq.pdbx_PDB_id_code              247D 
_struct_ref_seq.pdbx_strand_id                A 
_struct_ref_seq.seq_align_beg                 1 
_struct_ref_seq.pdbx_seq_align_beg_ins_code   ? 
_struct_ref_seq.seq_align_end                 11 
_struct_ref_seq.pdbx_seq_align_end_ins_code   ? 
_struct_ref_seq.pdbx_db_accession             247D 
_struct_ref_seq.db_align_beg                  1 
_struct_ref_seq.pdbx_db_align_beg_ins_code    ? 
_struct_ref_seq.db_align_end                  11 
_struct_ref_seq.pdbx_db_align_end_ins_code    ? 
_struct_ref_seq.pdbx_auth_seq_align_beg       1 
_struct_ref_seq.pdbx_auth_seq_align_end       11 
# 
_pdbx_struct_assembly.id                   1 
_pdbx_struct_assembly.details              author_defined_assembly 
_pdbx_struct_assembly.method_details       ? 
_pdbx_struct_assembly.oligomeric_details   dimeric 
_pdbx_struct_assembly.oligomeric_count     2 
# 
_pdbx_struct_assembly_gen.assembly_id       1 
_pdbx_struct_assembly_gen.oper_expression   1,2 
_pdbx_struct_assembly_gen.asym_id_list      A,B 
# 
loop_
_pdbx_struct_oper_list.id 
_pdbx_struct_oper_list.type 
_pdbx_struct_oper_list.name 
_pdbx_struct_oper_list.symmetry_operation 
_pdbx_struct_oper_list.matrix[1][1] 
_pdbx_struct_oper_list.matrix[1][2] 
_pdbx_struct_oper_list.matrix[1][3] 
_pdbx_struct_oper_list.vector[1] 
_pdbx_struct_oper_list.matrix[2][1] 
_pdbx_struct_oper_list.matrix[2][2] 
_pdbx_struct_oper_list.matrix[2][3] 
_pdbx_struct_oper_list.vector[2] 
_pdbx_struct_oper_list.matrix[3][1] 
_pdbx_struct_oper_list.matrix[3][2] 
_pdbx_struct_oper_list.matrix[3][3] 
_pdbx_struct_oper_list.vector[3] 
1 'identity operation'         1_555 x,y,z     1.0000000000  0.0000000000  0.0000000000 0.0000000000  0.0000000000  1.0000000000 0.0000000000  0.0000000000  0.0000000000 0.0000000000  1.0000000000  0.0000000000 
2 'crystal symmetry operation' 8_555 x-y,-y,-z -0.6576665603 -0.7363433998 0.1589751337 -4.0656336698 -0.7363433998 0.5838406053 -0.3419481617 -1.4882911717 0.1589751337 -0.3419481617 -0.9261740450 1.8613538530 
# 
_struct_biol.id   1 
# 
loop_
_struct_conn.id 
_struct_conn.conn_type_id 
_struct_conn.pdbx_leaving_atom_flag 
_struct_conn.pdbx_PDB_id 
_struct_conn.ptnr1_label_asym_id 
_struct_conn.ptnr1_label_comp_id 
_struct_conn.ptnr1_label_seq_id 
_struct_conn.ptnr1_label_atom_id 
_struct_conn.pdbx_ptnr1_label_alt_id 
_struct_conn.pdbx_ptnr1_PDB_ins_code 
_struct_conn.pdbx_ptnr1_standard_comp_id 
_struct_conn.ptnr1_symmetry 
_struct_conn.ptnr2_label_asym_id 
_struct_conn.ptnr2_label_comp_id 
_struct_conn.ptnr2_label_seq_id 
_struct_conn.ptnr2_label_atom_id 
_struct_conn.pdbx_ptnr2_label_alt_id 
_struct_conn.pdbx_ptnr2_PDB_ins_code 
_struct_conn.ptnr1_auth_asym_id 
_struct_conn.ptnr1_auth_comp_id 
_struct_conn.ptnr1_auth_seq_id 
_struct_conn.ptnr2_auth_asym_id 
_struct_conn.ptnr2_auth_comp_id 
_struct_conn.ptnr2_auth_seq_id 
_struct_conn.ptnr2_symmetry 
_struct_conn.pdbx_ptnr3_label_atom_id 
_struct_conn.pdbx_ptnr3_label_seq_id 
_struct_conn.pdbx_ptnr3_label_comp_id 
_struct_conn.pdbx_ptnr3_label_asym_id 
_struct_conn.pdbx_ptnr3_label_alt_id 
_struct_conn.pdbx_ptnr3_PDB_ins_code 
_struct_conn.details 
_struct_conn.pdbx_dist_value 
_struct_conn.pdbx_value_order 
_struct_conn.pdbx_role 
hydrog1  hydrog ? ? A G  1  N1 ? ? ? 1_555 A C  11 N3 ? ? A G  1  A C  11 8_555 ? ? ? ? ? ? WATSON-CRICK ? ? ? 
hydrog2  hydrog ? ? A G  1  N2 ? ? ? 1_555 A C  11 O2 ? ? A G  1  A C  11 8_555 ? ? ? ? ? ? WATSON-CRICK ? ? ? 
hydrog3  hydrog ? ? A G  1  O6 ? ? ? 1_555 A C  11 N4 ? ? A G  1  A C  11 8_555 ? ? ? ? ? ? WATSON-CRICK ? ? ? 
hydrog4  hydrog ? ? A C  2  N3 ? ? ? 1_555 A G  10 N1 ? ? A C  2  A G  10 8_555 ? ? ? ? ? ? WATSON-CRICK ? ? ? 
hydrog5  hydrog ? ? A C  2  N4 ? ? ? 1_555 A G  10 O6 ? ? A C  2  A G  10 8_555 ? ? ? ? ? ? WATSON-CRICK ? ? ? 
hydrog6  hydrog ? ? A C  2  O2 ? ? ? 1_555 A G  10 N2 ? ? A C  2  A G  10 8_555 ? ? ? ? ? ? WATSON-CRICK ? ? ? 
hydrog7  hydrog ? ? A G  3  N1 ? ? ? 1_555 A C  9  N3 ? ? A G  3  A C  9  8_555 ? ? ? ? ? ? WATSON-CRICK ? ? ? 
hydrog8  hydrog ? ? A G  3  N2 ? ? ? 1_555 A C  9  O2 ? ? A G  3  A C  9  8_555 ? ? ? ? ? ? WATSON-CRICK ? ? ? 
hydrog9  hydrog ? ? A G  3  O6 ? ? ? 1_555 A C  9  N4 ? ? A G  3  A C  9  8_555 ? ? ? ? ? ? WATSON-CRICK ? ? ? 
hydrog10 hydrog ? ? A DA 4  N1 ? ? ? 1_555 A DT 7  N3 ? ? A DA 4  A DT 7  8_555 ? ? ? ? ? ? WATSON-CRICK ? ? ? 
hydrog11 hydrog ? ? A DA 4  N6 ? ? ? 1_555 A DT 7  O4 ? ? A DA 4  A DT 7  8_555 ? ? ? ? ? ? WATSON-CRICK ? ? ? 
hydrog12 hydrog ? ? A DT 5  N3 ? ? ? 1_555 A DA 6  N1 ? ? A DT 5  A DA 6  8_555 ? ? ? ? ? ? WATSON-CRICK ? ? ? 
hydrog13 hydrog ? ? A DT 5  O4 ? ? ? 1_555 A DA 6  N6 ? ? A DT 5  A DA 6  8_555 ? ? ? ? ? ? WATSON-CRICK ? ? ? 
hydrog14 hydrog ? ? A DA 6  N1 ? ? ? 1_555 A DT 5  N3 ? ? A DA 6  A DT 5  8_555 ? ? ? ? ? ? WATSON-CRICK ? ? ? 
hydrog15 hydrog ? ? A DA 6  N6 ? ? ? 1_555 A DT 5  O4 ? ? A DA 6  A DT 5  8_555 ? ? ? ? ? ? WATSON-CRICK ? ? ? 
hydrog16 hydrog ? ? A DT 7  N3 ? ? ? 1_555 A DA 4  N1 ? ? A DT 7  A DA 4  8_555 ? ? ? ? ? ? WATSON-CRICK ? ? ? 
hydrog17 hydrog ? ? A DT 7  O4 ? ? ? 1_555 A DA 4  N6 ? ? A DT 7  A DA 4  8_555 ? ? ? ? ? ? WATSON-CRICK ? ? ? 
hydrog18 hydrog ? ? A C  9  N3 ? ? ? 1_555 A G  3  N1 ? ? A C  9  A G  3  8_555 ? ? ? ? ? ? WATSON-CRICK ? ? ? 
hydrog19 hydrog ? ? A C  9  N4 ? ? ? 1_555 A G  3  O6 ? ? A C  9  A G  3  8_555 ? ? ? ? ? ? WATSON-CRICK ? ? ? 
hydrog20 hydrog ? ? A C  9  O2 ? ? ? 1_555 A G  3  N2 ? ? A C  9  A G  3  8_555 ? ? ? ? ? ? WATSON-CRICK ? ? ? 
hydrog21 hydrog ? ? A G  10 N1 ? ? ? 1_555 A C  2  N3 ? ? A G  10 A C  2  8_555 ? ? ? ? ? ? WATSON-CRICK ? ? ? 
hydrog22 hydrog ? ? A G  10 N2 ? ? ? 1_555 A C  2  O2 ? ? A G  10 A C  2  8_555 ? ? ? ? ? ? WATSON-CRICK ? ? ? 
hydrog23 hydrog ? ? A G  10 O6 ? ? ? 1_555 A C  2  N4 ? ? A G  10 A C  2  8_555 ? ? ? ? ? ? WATSON-CRICK ? ? ? 
hydrog24 hydrog ? ? A C  11 N3 ? ? ? 1_555 A G  1  N1 ? ? A C  11 A G  1  8_555 ? ? ? ? ? ? WATSON-CRICK ? ? ? 
hydrog25 hydrog ? ? A C  11 N4 ? ? ? 1_555 A G  1  O6 ? ? A C  11 A G  1  8_555 ? ? ? ? ? ? WATSON-CRICK ? ? ? 
hydrog26 hydrog ? ? A C  11 O2 ? ? ? 1_555 A G  1  N2 ? ? A C  11 A G  1  8_555 ? ? ? ? ? ? WATSON-CRICK ? ? ? 
# 
_struct_conn_type.id          hydrog 
_struct_conn_type.criteria    ? 
_struct_conn_type.reference   ? 
# 
_pdbx_validate_symm_contact.id                1 
_pdbx_validate_symm_contact.PDB_model_num     1 
_pdbx_validate_symm_contact.auth_atom_id_1    O 
_pdbx_validate_symm_contact.auth_asym_id_1    A 
_pdbx_validate_symm_contact.auth_comp_id_1    HOH 
_pdbx_validate_symm_contact.auth_seq_id_1     28 
_pdbx_validate_symm_contact.PDB_ins_code_1    ? 
_pdbx_validate_symm_contact.label_alt_id_1    ? 
_pdbx_validate_symm_contact.site_symmetry_1   1_555 
_pdbx_validate_symm_contact.auth_atom_id_2    O 
_pdbx_validate_symm_contact.auth_asym_id_2    A 
_pdbx_validate_symm_contact.auth_comp_id_2    HOH 
_pdbx_validate_symm_contact.auth_seq_id_2     28 
_pdbx_validate_symm_contact.PDB_ins_code_2    ? 
_pdbx_validate_symm_contact.label_alt_id_2    ? 
_pdbx_validate_symm_contact.site_symmetry_2   10_665 
_pdbx_validate_symm_contact.dist              0.40 
# 
loop_
_pdbx_validate_rmsd_bond.id 
_pdbx_validate_rmsd_bond.PDB_model_num 
_pdbx_validate_rmsd_bond.auth_atom_id_1 
_pdbx_validate_rmsd_bond.auth_asym_id_1 
_pdbx_validate_rmsd_bond.auth_comp_id_1 
_pdbx_validate_rmsd_bond.auth_seq_id_1 
_pdbx_validate_rmsd_bond.PDB_ins_code_1 
_pdbx_validate_rmsd_bond.label_alt_id_1 
_pdbx_validate_rmsd_bond.auth_atom_id_2 
_pdbx_validate_rmsd_bond.auth_asym_id_2 
_pdbx_validate_rmsd_bond.auth_comp_id_2 
_pdbx_validate_rmsd_bond.auth_seq_id_2 
_pdbx_validate_rmsd_bond.PDB_ins_code_2 
_pdbx_validate_rmsd_bond.label_alt_id_2 
_pdbx_validate_rmsd_bond.bond_value 
_pdbx_validate_rmsd_bond.bond_target_value 
_pdbx_validate_rmsd_bond.bond_deviation 
_pdbx_validate_rmsd_bond.bond_standard_deviation 
_pdbx_validate_rmsd_bond.linker_flag 
1 1 C6    A G  3 ? ? N1    A G  3 ? ? 1.344 1.391 -0.047 0.007 N 
2 1 P     A DA 8 ? ? "O5'" A DA 8 ? ? 1.656 1.593 0.063  0.010 N 
3 1 "C5'" A DA 8 ? ? "C4'" A DA 8 ? ? 1.555 1.512 0.043  0.007 N 
# 
loop_
_pdbx_validate_rmsd_angle.id 
_pdbx_validate_rmsd_angle.PDB_model_num 
_pdbx_validate_rmsd_angle.auth_atom_id_1 
_pdbx_validate_rmsd_angle.auth_asym_id_1 
_pdbx_validate_rmsd_angle.auth_comp_id_1 
_pdbx_validate_rmsd_angle.auth_seq_id_1 
_pdbx_validate_rmsd_angle.PDB_ins_code_1 
_pdbx_validate_rmsd_angle.label_alt_id_1 
_pdbx_validate_rmsd_angle.auth_atom_id_2 
_pdbx_validate_rmsd_angle.auth_asym_id_2 
_pdbx_validate_rmsd_angle.auth_comp_id_2 
_pdbx_validate_rmsd_angle.auth_seq_id_2 
_pdbx_validate_rmsd_angle.PDB_ins_code_2 
_pdbx_validate_rmsd_angle.label_alt_id_2 
_pdbx_validate_rmsd_angle.auth_atom_id_3 
_pdbx_validate_rmsd_angle.auth_asym_id_3 
_pdbx_validate_rmsd_angle.auth_comp_id_3 
_pdbx_validate_rmsd_angle.auth_seq_id_3 
_pdbx_validate_rmsd_angle.PDB_ins_code_3 
_pdbx_validate_rmsd_angle.label_alt_id_3 
_pdbx_validate_rmsd_angle.angle_value 
_pdbx_validate_rmsd_angle.angle_target_value 
_pdbx_validate_rmsd_angle.angle_deviation 
_pdbx_validate_rmsd_angle.angle_standard_deviation 
_pdbx_validate_rmsd_angle.linker_flag 
1 1 "C5'" A G  3  ? ? "C4'" A G  3  ? ? "O4'" A G  3  ? ? 115.56 109.80 5.76   0.90 N 
2 1 N9    A DA 4  ? ? "C1'" A DA 4  ? ? "C2'" A DA 4  ? ? 123.73 114.30 9.43   1.40 N 
3 1 "O4'" A DT 5  ? ? "C1'" A DT 5  ? ? N1    A DT 5  ? ? 115.62 108.30 7.32   0.30 N 
4 1 "O4'" A DA 8  ? ? "C1'" A DA 8  ? ? N9    A DA 8  ? ? 114.88 108.30 6.58   0.30 N 
5 1 "C5'" A C  9  ? ? "C4'" A C  9  ? ? "C3'" A C  9  ? ? 103.56 115.20 -11.64 1.40 N 
6 1 N1    A C  9  ? ? C2    A C  9  ? ? O2    A C  9  ? ? 122.54 118.90 3.64   0.60 N 
7 1 "O4'" A G  10 ? ? "C1'" A G  10 ? ? N9    A G  10 ? ? 114.27 108.50 5.77   0.70 N 
8 1 "O4'" A C  11 ? ? "C1'" A C  11 ? ? N1    A C  11 ? ? 113.41 108.50 4.91   0.70 N 
# 
loop_
_refine_B_iso.class 
_refine_B_iso.details 
_refine_B_iso.treatment 
_refine_B_iso.pdbx_refine_id 
'ALL ATOMS'  TR isotropic 'X-RAY DIFFRACTION' 
'ALL WATERS' TR isotropic 'X-RAY DIFFRACTION' 
# 
loop_
_refine_occupancy.class 
_refine_occupancy.treatment 
_refine_occupancy.pdbx_refine_id 
'ALL ATOMS'  fix 'X-RAY DIFFRACTION' 
'ALL WATERS' fix 'X-RAY DIFFRACTION' 
# 
loop_
_chem_comp_atom.comp_id 
_chem_comp_atom.atom_id 
_chem_comp_atom.type_symbol 
_chem_comp_atom.pdbx_aromatic_flag 
_chem_comp_atom.pdbx_stereo_config 
_chem_comp_atom.pdbx_ordinal 
C   OP3    O N N 1   
C   P      P N N 2   
C   OP1    O N N 3   
C   OP2    O N N 4   
C   "O5'"  O N N 5   
C   "C5'"  C N N 6   
C   "C4'"  C N R 7   
C   "O4'"  O N N 8   
C   "C3'"  C N S 9   
C   "O3'"  O N N 10  
C   "C2'"  C N R 11  
C   "O2'"  O N N 12  
C   "C1'"  C N R 13  
C   N1     N N N 14  
C   C2     C N N 15  
C   O2     O N N 16  
C   N3     N N N 17  
C   C4     C N N 18  
C   N4     N N N 19  
C   C5     C N N 20  
C   C6     C N N 21  
C   HOP3   H N N 22  
C   HOP2   H N N 23  
C   "H5'"  H N N 24  
C   "H5''" H N N 25  
C   "H4'"  H N N 26  
C   "H3'"  H N N 27  
C   "HO3'" H N N 28  
C   "H2'"  H N N 29  
C   "HO2'" H N N 30  
C   "H1'"  H N N 31  
C   H41    H N N 32  
C   H42    H N N 33  
C   H5     H N N 34  
C   H6     H N N 35  
DA  OP3    O N N 36  
DA  P      P N N 37  
DA  OP1    O N N 38  
DA  OP2    O N N 39  
DA  "O5'"  O N N 40  
DA  "C5'"  C N N 41  
DA  "C4'"  C N R 42  
DA  "O4'"  O N N 43  
DA  "C3'"  C N S 44  
DA  "O3'"  O N N 45  
DA  "C2'"  C N N 46  
DA  "C1'"  C N R 47  
DA  N9     N Y N 48  
DA  C8     C Y N 49  
DA  N7     N Y N 50  
DA  C5     C Y N 51  
DA  C6     C Y N 52  
DA  N6     N N N 53  
DA  N1     N Y N 54  
DA  C2     C Y N 55  
DA  N3     N Y N 56  
DA  C4     C Y N 57  
DA  HOP3   H N N 58  
DA  HOP2   H N N 59  
DA  "H5'"  H N N 60  
DA  "H5''" H N N 61  
DA  "H4'"  H N N 62  
DA  "H3'"  H N N 63  
DA  "HO3'" H N N 64  
DA  "H2'"  H N N 65  
DA  "H2''" H N N 66  
DA  "H1'"  H N N 67  
DA  H8     H N N 68  
DA  H61    H N N 69  
DA  H62    H N N 70  
DA  H2     H N N 71  
DT  OP3    O N N 72  
DT  P      P N N 73  
DT  OP1    O N N 74  
DT  OP2    O N N 75  
DT  "O5'"  O N N 76  
DT  "C5'"  C N N 77  
DT  "C4'"  C N R 78  
DT  "O4'"  O N N 79  
DT  "C3'"  C N S 80  
DT  "O3'"  O N N 81  
DT  "C2'"  C N N 82  
DT  "C1'"  C N R 83  
DT  N1     N N N 84  
DT  C2     C N N 85  
DT  O2     O N N 86  
DT  N3     N N N 87  
DT  C4     C N N 88  
DT  O4     O N N 89  
DT  C5     C N N 90  
DT  C7     C N N 91  
DT  C6     C N N 92  
DT  HOP3   H N N 93  
DT  HOP2   H N N 94  
DT  "H5'"  H N N 95  
DT  "H5''" H N N 96  
DT  "H4'"  H N N 97  
DT  "H3'"  H N N 98  
DT  "HO3'" H N N 99  
DT  "H2'"  H N N 100 
DT  "H2''" H N N 101 
DT  "H1'"  H N N 102 
DT  H3     H N N 103 
DT  H71    H N N 104 
DT  H72    H N N 105 
DT  H73    H N N 106 
DT  H6     H N N 107 
G   OP3    O N N 108 
G   P      P N N 109 
G   OP1    O N N 110 
G   OP2    O N N 111 
G   "O5'"  O N N 112 
G   "C5'"  C N N 113 
G   "C4'"  C N R 114 
G   "O4'"  O N N 115 
G   "C3'"  C N S 116 
G   "O3'"  O N N 117 
G   "C2'"  C N R 118 
G   "O2'"  O N N 119 
G   "C1'"  C N R 120 
G   N9     N Y N 121 
G   C8     C Y N 122 
G   N7     N Y N 123 
G   C5     C Y N 124 
G   C6     C N N 125 
G   O6     O N N 126 
G   N1     N N N 127 
G   C2     C N N 128 
G   N2     N N N 129 
G   N3     N N N 130 
G   C4     C Y N 131 
G   HOP3   H N N 132 
G   HOP2   H N N 133 
G   "H5'"  H N N 134 
G   "H5''" H N N 135 
G   "H4'"  H N N 136 
G   "H3'"  H N N 137 
G   "HO3'" H N N 138 
G   "H2'"  H N N 139 
G   "HO2'" H N N 140 
G   "H1'"  H N N 141 
G   H8     H N N 142 
G   H1     H N N 143 
G   H21    H N N 144 
G   H22    H N N 145 
HOH O      O N N 146 
HOH H1     H N N 147 
HOH H2     H N N 148 
# 
loop_
_chem_comp_bond.comp_id 
_chem_comp_bond.atom_id_1 
_chem_comp_bond.atom_id_2 
_chem_comp_bond.value_order 
_chem_comp_bond.pdbx_aromatic_flag 
_chem_comp_bond.pdbx_stereo_config 
_chem_comp_bond.pdbx_ordinal 
C   OP3   P      sing N N 1   
C   OP3   HOP3   sing N N 2   
C   P     OP1    doub N N 3   
C   P     OP2    sing N N 4   
C   P     "O5'"  sing N N 5   
C   OP2   HOP2   sing N N 6   
C   "O5'" "C5'"  sing N N 7   
C   "C5'" "C4'"  sing N N 8   
C   "C5'" "H5'"  sing N N 9   
C   "C5'" "H5''" sing N N 10  
C   "C4'" "O4'"  sing N N 11  
C   "C4'" "C3'"  sing N N 12  
C   "C4'" "H4'"  sing N N 13  
C   "O4'" "C1'"  sing N N 14  
C   "C3'" "O3'"  sing N N 15  
C   "C3'" "C2'"  sing N N 16  
C   "C3'" "H3'"  sing N N 17  
C   "O3'" "HO3'" sing N N 18  
C   "C2'" "O2'"  sing N N 19  
C   "C2'" "C1'"  sing N N 20  
C   "C2'" "H2'"  sing N N 21  
C   "O2'" "HO2'" sing N N 22  
C   "C1'" N1     sing N N 23  
C   "C1'" "H1'"  sing N N 24  
C   N1    C2     sing N N 25  
C   N1    C6     sing N N 26  
C   C2    O2     doub N N 27  
C   C2    N3     sing N N 28  
C   N3    C4     doub N N 29  
C   C4    N4     sing N N 30  
C   C4    C5     sing N N 31  
C   N4    H41    sing N N 32  
C   N4    H42    sing N N 33  
C   C5    C6     doub N N 34  
C   C5    H5     sing N N 35  
C   C6    H6     sing N N 36  
DA  OP3   P      sing N N 37  
DA  OP3   HOP3   sing N N 38  
DA  P     OP1    doub N N 39  
DA  P     OP2    sing N N 40  
DA  P     "O5'"  sing N N 41  
DA  OP2   HOP2   sing N N 42  
DA  "O5'" "C5'"  sing N N 43  
DA  "C5'" "C4'"  sing N N 44  
DA  "C5'" "H5'"  sing N N 45  
DA  "C5'" "H5''" sing N N 46  
DA  "C4'" "O4'"  sing N N 47  
DA  "C4'" "C3'"  sing N N 48  
DA  "C4'" "H4'"  sing N N 49  
DA  "O4'" "C1'"  sing N N 50  
DA  "C3'" "O3'"  sing N N 51  
DA  "C3'" "C2'"  sing N N 52  
DA  "C3'" "H3'"  sing N N 53  
DA  "O3'" "HO3'" sing N N 54  
DA  "C2'" "C1'"  sing N N 55  
DA  "C2'" "H2'"  sing N N 56  
DA  "C2'" "H2''" sing N N 57  
DA  "C1'" N9     sing N N 58  
DA  "C1'" "H1'"  sing N N 59  
DA  N9    C8     sing Y N 60  
DA  N9    C4     sing Y N 61  
DA  C8    N7     doub Y N 62  
DA  C8    H8     sing N N 63  
DA  N7    C5     sing Y N 64  
DA  C5    C6     sing Y N 65  
DA  C5    C4     doub Y N 66  
DA  C6    N6     sing N N 67  
DA  C6    N1     doub Y N 68  
DA  N6    H61    sing N N 69  
DA  N6    H62    sing N N 70  
DA  N1    C2     sing Y N 71  
DA  C2    N3     doub Y N 72  
DA  C2    H2     sing N N 73  
DA  N3    C4     sing Y N 74  
DT  OP3   P      sing N N 75  
DT  OP3   HOP3   sing N N 76  
DT  P     OP1    doub N N 77  
DT  P     OP2    sing N N 78  
DT  P     "O5'"  sing N N 79  
DT  OP2   HOP2   sing N N 80  
DT  "O5'" "C5'"  sing N N 81  
DT  "C5'" "C4'"  sing N N 82  
DT  "C5'" "H5'"  sing N N 83  
DT  "C5'" "H5''" sing N N 84  
DT  "C4'" "O4'"  sing N N 85  
DT  "C4'" "C3'"  sing N N 86  
DT  "C4'" "H4'"  sing N N 87  
DT  "O4'" "C1'"  sing N N 88  
DT  "C3'" "O3'"  sing N N 89  
DT  "C3'" "C2'"  sing N N 90  
DT  "C3'" "H3'"  sing N N 91  
DT  "O3'" "HO3'" sing N N 92  
DT  "C2'" "C1'"  sing N N 93  
DT  "C2'" "H2'"  sing N N 94  
DT  "C2'" "H2''" sing N N 95  
DT  "C1'" N1     sing N N 96  
DT  "C1'" "H1'"  sing N N 97  
DT  N1    C2     sing N N 98  
DT  N1    C6     sing N N 99  
DT  C2    O2     doub N N 100 
DT  C2    N3     sing N N 101 
DT  N3    C4     sing N N 102 
DT  N3    H3     sing N N 103 
DT  C4    O4     doub N N 104 
DT  C4    C5     sing N N 105 
DT  C5    C7     sing N N 106 
DT  C5    C6     doub N N 107 
DT  C7    H71    sing N N 108 
DT  C7    H72    sing N N 109 
DT  C7    H73    sing N N 110 
DT  C6    H6     sing N N 111 
G   OP3   P      sing N N 112 
G   OP3   HOP3   sing N N 113 
G   P     OP1    doub N N 114 
G   P     OP2    sing N N 115 
G   P     "O5'"  sing N N 116 
G   OP2   HOP2   sing N N 117 
G   "O5'" "C5'"  sing N N 118 
G   "C5'" "C4'"  sing N N 119 
G   "C5'" "H5'"  sing N N 120 
G   "C5'" "H5''" sing N N 121 
G   "C4'" "O4'"  sing N N 122 
G   "C4'" "C3'"  sing N N 123 
G   "C4'" "H4'"  sing N N 124 
G   "O4'" "C1'"  sing N N 125 
G   "C3'" "O3'"  sing N N 126 
G   "C3'" "C2'"  sing N N 127 
G   "C3'" "H3'"  sing N N 128 
G   "O3'" "HO3'" sing N N 129 
G   "C2'" "O2'"  sing N N 130 
G   "C2'" "C1'"  sing N N 131 
G   "C2'" "H2'"  sing N N 132 
G   "O2'" "HO2'" sing N N 133 
G   "C1'" N9     sing N N 134 
G   "C1'" "H1'"  sing N N 135 
G   N9    C8     sing Y N 136 
G   N9    C4     sing Y N 137 
G   C8    N7     doub Y N 138 
G   C8    H8     sing N N 139 
G   N7    C5     sing Y N 140 
G   C5    C6     sing N N 141 
G   C5    C4     doub Y N 142 
G   C6    O6     doub N N 143 
G   C6    N1     sing N N 144 
G   N1    C2     sing N N 145 
G   N1    H1     sing N N 146 
G   C2    N2     sing N N 147 
G   C2    N3     doub N N 148 
G   N2    H21    sing N N 149 
G   N2    H22    sing N N 150 
G   N3    C4     sing N N 151 
HOH O     H1     sing N N 152 
HOH O     H2     sing N N 153 
# 
loop_
_ndb_struct_conf_na.entry_id 
_ndb_struct_conf_na.feature 
247D 'double helix'        
247D 'a-form double helix' 
247D 'bulge loop'          
# 
loop_
_ndb_struct_na_base_pair.model_number 
_ndb_struct_na_base_pair.i_label_asym_id 
_ndb_struct_na_base_pair.i_label_comp_id 
_ndb_struct_na_base_pair.i_label_seq_id 
_ndb_struct_na_base_pair.i_symmetry 
_ndb_struct_na_base_pair.j_label_asym_id 
_ndb_struct_na_base_pair.j_label_comp_id 
_ndb_struct_na_base_pair.j_label_seq_id 
_ndb_struct_na_base_pair.j_symmetry 
_ndb_struct_na_base_pair.shear 
_ndb_struct_na_base_pair.stretch 
_ndb_struct_na_base_pair.stagger 
_ndb_struct_na_base_pair.buckle 
_ndb_struct_na_base_pair.propeller 
_ndb_struct_na_base_pair.opening 
_ndb_struct_na_base_pair.pair_number 
_ndb_struct_na_base_pair.pair_name 
_ndb_struct_na_base_pair.i_auth_asym_id 
_ndb_struct_na_base_pair.i_auth_seq_id 
_ndb_struct_na_base_pair.i_PDB_ins_code 
_ndb_struct_na_base_pair.j_auth_asym_id 
_ndb_struct_na_base_pair.j_auth_seq_id 
_ndb_struct_na_base_pair.j_PDB_ins_code 
_ndb_struct_na_base_pair.hbond_type_28 
_ndb_struct_na_base_pair.hbond_type_12 
1 A G  1  1_555 A C  11 8_555 0.266  -0.154 0.122  0.600  -10.602 -6.299 1  A_G1:C11_A  A 1  ? A 11 ? 19 1 
1 A C  2  1_555 A G  10 8_555 -0.096 -0.322 0.139  2.096  -12.154 -0.714 2  A_C2:G10_A  A 2  ? A 10 ? 19 1 
1 A G  3  1_555 A C  9  8_555 0.747  -0.128 -0.224 -9.407 -16.086 3.544  3  A_G3:C9_A   A 3  ? A 9  ? 19 1 
1 A DA 4  1_555 A DT 7  8_555 0.206  -0.222 0.059  -9.502 -9.949  -2.701 4  A_DA4:DT7_A A 4  ? A 7  ? 20 1 
1 A DT 5  1_555 A DA 6  8_555 -0.384 -0.397 0.107  1.821  -8.705  0.833  5  A_DT5:DA6_A A 5  ? A 6  ? 20 1 
1 A DA 6  1_555 A DT 5  8_555 0.384  -0.397 0.107  -1.821 -8.705  0.833  6  A_DA6:DT5_A A 6  ? A 5  ? 20 1 
1 A DT 7  1_555 A DA 4  8_555 -0.206 -0.222 0.059  9.502  -9.949  -2.701 7  A_DT7:DA4_A A 7  ? A 4  ? 20 1 
1 A C  9  1_555 A G  3  8_555 -0.747 -0.128 -0.224 9.407  -16.086 3.544  8  A_C9:G3_A   A 9  ? A 3  ? 19 1 
1 A G  10 1_555 A C  2  8_555 0.096  -0.322 0.139  -2.096 -12.154 -0.714 9  A_G10:C2_A  A 10 ? A 2  ? 19 1 
1 A C  11 1_555 A G  1  8_555 -0.266 -0.154 0.122  -0.600 -10.602 -6.299 10 A_C11:G1_A  A 11 ? A 1  ? 19 1 
# 
loop_
_ndb_struct_na_base_pair_step.model_number 
_ndb_struct_na_base_pair_step.i_label_asym_id_1 
_ndb_struct_na_base_pair_step.i_label_comp_id_1 
_ndb_struct_na_base_pair_step.i_label_seq_id_1 
_ndb_struct_na_base_pair_step.i_symmetry_1 
_ndb_struct_na_base_pair_step.j_label_asym_id_1 
_ndb_struct_na_base_pair_step.j_label_comp_id_1 
_ndb_struct_na_base_pair_step.j_label_seq_id_1 
_ndb_struct_na_base_pair_step.j_symmetry_1 
_ndb_struct_na_base_pair_step.i_label_asym_id_2 
_ndb_struct_na_base_pair_step.i_label_comp_id_2 
_ndb_struct_na_base_pair_step.i_label_seq_id_2 
_ndb_struct_na_base_pair_step.i_symmetry_2 
_ndb_struct_na_base_pair_step.j_label_asym_id_2 
_ndb_struct_na_base_pair_step.j_label_comp_id_2 
_ndb_struct_na_base_pair_step.j_label_seq_id_2 
_ndb_struct_na_base_pair_step.j_symmetry_2 
_ndb_struct_na_base_pair_step.shift 
_ndb_struct_na_base_pair_step.slide 
_ndb_struct_na_base_pair_step.rise 
_ndb_struct_na_base_pair_step.tilt 
_ndb_struct_na_base_pair_step.roll 
_ndb_struct_na_base_pair_step.twist 
_ndb_struct_na_base_pair_step.x_displacement 
_ndb_struct_na_base_pair_step.y_displacement 
_ndb_struct_na_base_pair_step.helical_rise 
_ndb_struct_na_base_pair_step.inclination 
_ndb_struct_na_base_pair_step.tip 
_ndb_struct_na_base_pair_step.helical_twist 
_ndb_struct_na_base_pair_step.step_number 
_ndb_struct_na_base_pair_step.step_name 
_ndb_struct_na_base_pair_step.i_auth_asym_id_1 
_ndb_struct_na_base_pair_step.i_auth_seq_id_1 
_ndb_struct_na_base_pair_step.i_PDB_ins_code_1 
_ndb_struct_na_base_pair_step.j_auth_asym_id_1 
_ndb_struct_na_base_pair_step.j_auth_seq_id_1 
_ndb_struct_na_base_pair_step.j_PDB_ins_code_1 
_ndb_struct_na_base_pair_step.i_auth_asym_id_2 
_ndb_struct_na_base_pair_step.i_auth_seq_id_2 
_ndb_struct_na_base_pair_step.i_PDB_ins_code_2 
_ndb_struct_na_base_pair_step.j_auth_asym_id_2 
_ndb_struct_na_base_pair_step.j_auth_seq_id_2 
_ndb_struct_na_base_pair_step.j_PDB_ins_code_2 
1 A G  1  1_555 A C  11 8_555 A C  2  1_555 A G  10 8_555 -0.666 -1.821 3.133 -4.990 1.190  31.606 -3.510 0.340  3.130 2.167  
9.086   32.009 1 AA_G1C2:G10C11_AA   A 1  ? A 11 ? A 2  ? A 10 ? 
1 A C  2  1_555 A G  10 8_555 A G  3  1_555 A C  9  8_555 0.264  -1.716 3.583 3.110  9.240  37.589 -3.757 -0.002 3.103 14.052 
-4.730  38.789 2 AA_C2G3:C9G10_AA    A 2  ? A 10 ? A 3  ? A 9  ? 
1 A G  3  1_555 A C  9  8_555 A DA 4  1_555 A DT 7  8_555 -1.017 -1.710 3.399 -4.529 2.448  23.306 -4.970 0.918  3.339 5.966  
11.038  23.860 3 AA_G3DA4:DT7C9_AA   A 3  ? A 9  ? A 4  ? A 7  ? 
1 A DA 4  1_555 A DT 7  8_555 A DT 5  1_555 A DA 6  8_555 0.660  -0.457 3.172 0.534  2.456  30.456 -1.338 -1.150 3.137 4.665  
-1.015  30.558 4 AA_DA4DT5:DA6DT7_AA A 4  ? A 7  ? A 5  ? A 6  ? 
1 A DT 5  1_555 A DA 6  8_555 A DA 6  1_555 A DT 5  8_555 0.000  -0.904 3.313 0.000  11.250 39.431 -2.497 0.000  2.957 16.275 
0.000   40.943 5 AA_DT5DA6:DT5DA6_AA A 5  ? A 6  ? A 6  ? A 5  ? 
1 A DA 6  1_555 A DT 5  8_555 A DT 7  1_555 A DA 4  8_555 -0.660 -0.457 3.172 -0.534 2.456  30.456 -1.338 1.150  3.137 4.665  
1.015   30.558 6 AA_DA6DT7:DA4DT5_AA A 6  ? A 5  ? A 7  ? A 4  ? 
1 A DT 7  1_555 A DA 4  8_555 A C  9  1_555 A G  3  8_555 1.017  -1.710 3.399 4.529  2.448  23.306 -4.970 -0.918 3.339 5.966  
-11.038 23.860 7 AA_DT7C9:G3DA4_AA   A 7  ? A 4  ? A 9  ? A 3  ? 
1 A C  9  1_555 A G  3  8_555 A G  10 1_555 A C  2  8_555 -0.264 -1.716 3.583 -3.110 9.240  37.589 -3.757 0.002  3.103 14.052 
4.730   38.789 8 AA_C9G10:C2G3_AA    A 9  ? A 3  ? A 10 ? A 2  ? 
1 A G  10 1_555 A C  2  8_555 A C  11 1_555 A G  1  8_555 0.666  -1.821 3.133 4.990  1.190  31.606 -3.510 -0.340 3.130 2.167  
-9.086  32.009 9 AA_G10C11:G1C2_AA   A 10 ? A 2  ? A 11 ? A 1  ? 
# 
_atom_sites.entry_id                    247D 
_atom_sites.fract_transf_matrix[1][1]   -0.01286222 
_atom_sites.fract_transf_matrix[1][2]   0.03813429 
_atom_sites.fract_transf_matrix[1][3]   0.01328839 
_atom_sites.fract_transf_matrix[2][1]   0.00464613 
_atom_sites.fract_transf_matrix[2][2]   0.01094287 
_atom_sites.fract_transf_matrix[2][3]   0.04068047 
_atom_sites.fract_transf_matrix[3][1]   0.00509460 
_atom_sites.fract_transf_matrix[3][2]   0.00211980 
_atom_sites.fract_transf_matrix[3][3]   -0.00115207 
_atom_sites.fract_transf_vector[1]      0.356052 
_atom_sites.fract_transf_vector[2]      -0.020273 
_atom_sites.fract_transf_vector[3]      0.013006 
# 
loop_
_atom_type.symbol 
C 
N 
O 
P 
# 
loop_
_atom_site.group_PDB 
_atom_site.id 
_atom_site.type_symbol 
_atom_site.label_atom_id 
_atom_site.label_alt_id 
_atom_site.label_comp_id 
_atom_site.label_asym_id 
_atom_site.label_entity_id 
_atom_site.label_seq_id 
_atom_site.pdbx_PDB_ins_code 
_atom_site.Cartn_x 
_atom_site.Cartn_y 
_atom_site.Cartn_z 
_atom_site.occupancy 
_atom_site.B_iso_or_equiv 
_atom_site.pdbx_formal_charge 
_atom_site.auth_seq_id 
_atom_site.auth_comp_id 
_atom_site.auth_asym_id 
_atom_site.auth_atom_id 
_atom_site.pdbx_PDB_model_num 
ATOM   1   O "O5'" . G   A 1 1  ? -6.707  -10.614 10.396  1.00 23.87 ? 1  G   A "O5'" 1 
ATOM   2   C "C5'" . G   A 1 1  ? -5.976  -11.801 10.731  1.00 20.80 ? 1  G   A "C5'" 1 
ATOM   3   C "C4'" . G   A 1 1  ? -6.488  -12.980 9.945   1.00 19.98 ? 1  G   A "C4'" 1 
ATOM   4   O "O4'" . G   A 1 1  ? -7.908  -13.007 10.068  1.00 19.68 ? 1  G   A "O4'" 1 
ATOM   5   C "C3'" . G   A 1 1  ? -6.236  -12.842 8.474   1.00 19.66 ? 1  G   A "C3'" 1 
ATOM   6   O "O3'" . G   A 1 1  ? -5.004  -13.461 8.129   1.00 19.13 ? 1  G   A "O3'" 1 
ATOM   7   C "C2'" . G   A 1 1  ? -7.443  -13.526 7.836   1.00 19.56 ? 1  G   A "C2'" 1 
ATOM   8   O "O2'" . G   A 1 1  ? -7.475  -14.944 7.982   1.00 18.64 ? 1  G   A "O2'" 1 
ATOM   9   C "C1'" . G   A 1 1  ? -8.529  -13.089 8.781   1.00 17.17 ? 1  G   A "C1'" 1 
ATOM   10  N N9    . G   A 1 1  ? -9.299  -11.874 8.451   1.00 12.16 ? 1  G   A N9    1 
ATOM   11  C C8    . G   A 1 1  ? -9.465  -10.751 9.218   1.00 12.14 ? 1  G   A C8    1 
ATOM   12  N N7    . G   A 1 1  ? -10.249 -9.854  8.679   1.00 12.15 ? 1  G   A N7    1 
ATOM   13  C C5    . G   A 1 1  ? -10.641 -10.431 7.484   1.00 10.51 ? 1  G   A C5    1 
ATOM   14  C C6    . G   A 1 1  ? -11.498 -9.900  6.484   1.00 10.48 ? 1  G   A C6    1 
ATOM   15  O O6    . G   A 1 1  ? -12.069 -8.810  6.485   1.00 9.97  ? 1  G   A O6    1 
ATOM   16  N N1    . G   A 1 1  ? -11.641 -10.780 5.422   1.00 7.94  ? 1  G   A N1    1 
ATOM   17  C C2    . G   A 1 1  ? -11.033 -12.020 5.352   1.00 10.87 ? 1  G   A C2    1 
ATOM   18  N N2    . G   A 1 1  ? -11.261 -12.752 4.262   1.00 12.20 ? 1  G   A N2    1 
ATOM   19  N N3    . G   A 1 1  ? -10.207 -12.515 6.297   1.00 10.33 ? 1  G   A N3    1 
ATOM   20  C C4    . G   A 1 1  ? -10.077 -11.674 7.338   1.00 10.18 ? 1  G   A C4    1 
ATOM   21  P P     . C   A 1 2  ? -4.142  -12.788 7.007   1.00 22.72 ? 2  C   A P     1 
ATOM   22  O OP1   . C   A 1 2  ? -2.792  -13.387 7.113   1.00 27.45 ? 2  C   A OP1   1 
ATOM   23  O OP2   . C   A 1 2  ? -4.266  -11.324 7.179   1.00 22.29 ? 2  C   A OP2   1 
ATOM   24  O "O5'" . C   A 1 2  ? -4.838  -13.117 5.578   1.00 19.46 ? 2  C   A "O5'" 1 
ATOM   25  C "C5'" . C   A 1 2  ? -4.713  -14.343 4.863   1.00 19.62 ? 2  C   A "C5'" 1 
ATOM   26  C "C4'" . C   A 1 2  ? -5.664  -14.410 3.682   1.00 19.23 ? 2  C   A "C4'" 1 
ATOM   27  O "O4'" . C   A 1 2  ? -6.951  -13.991 4.109   1.00 19.97 ? 2  C   A "O4'" 1 
ATOM   28  C "C3'" . C   A 1 2  ? -5.369  -13.425 2.605   1.00 19.33 ? 2  C   A "C3'" 1 
ATOM   29  O "O3'" . C   A 1 2  ? -4.314  -13.816 1.741   1.00 23.54 ? 2  C   A "O3'" 1 
ATOM   30  C "C2'" . C   A 1 2  ? -6.670  -13.244 1.864   1.00 18.39 ? 2  C   A "C2'" 1 
ATOM   31  O "O2'" . C   A 1 2  ? -7.031  -14.246 0.914   1.00 19.86 ? 2  C   A "O2'" 1 
ATOM   32  C "C1'" . C   A 1 2  ? -7.608  -13.322 3.021   1.00 14.75 ? 2  C   A "C1'" 1 
ATOM   33  N N1    . C   A 1 2  ? -8.055  -12.007 3.448   1.00 11.62 ? 2  C   A N1    1 
ATOM   34  C C2    . C   A 1 2  ? -8.882  -11.286 2.621   1.00 16.96 ? 2  C   A C2    1 
ATOM   35  O O2    . C   A 1 2  ? -9.245  -11.719 1.527   1.00 22.14 ? 2  C   A O2    1 
ATOM   36  N N3    . C   A 1 2  ? -9.295  -10.064 3.047   1.00 18.00 ? 2  C   A N3    1 
ATOM   37  C C4    . C   A 1 2  ? -8.907  -9.582  4.238   1.00 17.62 ? 2  C   A C4    1 
ATOM   38  N N4    . C   A 1 2  ? -9.334  -8.390  4.659   1.00 18.28 ? 2  C   A N4    1 
ATOM   39  C C5    . C   A 1 2  ? -8.049  -10.328 5.081   1.00 14.38 ? 2  C   A C5    1 
ATOM   40  C C6    . C   A 1 2  ? -7.655  -11.529 4.639   1.00 11.16 ? 2  C   A C6    1 
ATOM   41  P P     . G   A 1 3  ? -3.234  -12.702 1.242   1.00 29.57 ? 3  G   A P     1 
ATOM   42  O OP1   . G   A 1 3  ? -2.152  -13.382 0.486   1.00 29.70 ? 3  G   A OP1   1 
ATOM   43  O OP2   . G   A 1 3  ? -2.875  -11.834 2.395   1.00 28.79 ? 3  G   A OP2   1 
ATOM   44  O "O5'" . G   A 1 3  ? -4.104  -11.844 0.200   1.00 26.09 ? 3  G   A "O5'" 1 
ATOM   45  C "C5'" . G   A 1 3  ? -4.588  -12.574 -0.914  1.00 23.05 ? 3  G   A "C5'" 1 
ATOM   46  C "C4'" . G   A 1 3  ? -5.644  -11.774 -1.653  1.00 24.13 ? 3  G   A "C4'" 1 
ATOM   47  O "O4'" . G   A 1 3  ? -6.745  -11.316 -0.856  1.00 21.93 ? 3  G   A "O4'" 1 
ATOM   48  C "C3'" . G   A 1 3  ? -5.070  -10.517 -2.248  1.00 24.70 ? 3  G   A "C3'" 1 
ATOM   49  O "O3'" . G   A 1 3  ? -4.255  -10.845 -3.380  1.00 27.43 ? 3  G   A "O3'" 1 
ATOM   50  C "C2'" . G   A 1 3  ? -6.324  -9.702  -2.568  1.00 21.18 ? 3  G   A "C2'" 1 
ATOM   51  O "O2'" . G   A 1 3  ? -6.983  -10.289 -3.701  1.00 20.95 ? 3  G   A "O2'" 1 
ATOM   52  C "C1'" . G   A 1 3  ? -7.141  -10.001 -1.322  1.00 16.88 ? 3  G   A "C1'" 1 
ATOM   53  N N9    . G   A 1 3  ? -7.037  -9.126  -0.162  1.00 10.21 ? 3  G   A N9    1 
ATOM   54  C C8    . G   A 1 3  ? -6.395  -9.382  1.004   1.00 12.33 ? 3  G   A C8    1 
ATOM   55  N N7    . G   A 1 3  ? -6.578  -8.482  1.926   1.00 11.69 ? 3  G   A N7    1 
ATOM   56  C C5    . G   A 1 3  ? -7.408  -7.560  1.321   1.00 5.27  ? 3  G   A C5    1 
ATOM   57  C C6    . G   A 1 3  ? -7.911  -6.362  1.834   1.00 2.26  ? 3  G   A C6    1 
ATOM   58  O O6    . G   A 1 3  ? -7.724  -5.880  2.924   1.00 2.00  ? 3  G   A O6    1 
ATOM   59  N N1    . G   A 1 3  ? -8.681  -5.725  0.935   1.00 3.14  ? 3  G   A N1    1 
ATOM   60  C C2    . G   A 1 3  ? -8.927  -6.196  -0.318  1.00 9.21  ? 3  G   A C2    1 
ATOM   61  N N2    . G   A 1 3  ? -9.689  -5.443  -1.070  1.00 14.88 ? 3  G   A N2    1 
ATOM   62  N N3    . G   A 1 3  ? -8.483  -7.345  -0.826  1.00 6.95  ? 3  G   A N3    1 
ATOM   63  C C4    . G   A 1 3  ? -7.709  -7.967  0.059   1.00 7.43  ? 3  G   A C4    1 
ATOM   64  P P     . DA  A 1 4  ? -3.279  -9.723  -3.973  1.00 27.70 ? 4  DA  A P     1 
ATOM   65  O OP1   . DA  A 1 4  ? -2.260  -10.410 -4.798  1.00 28.00 ? 4  DA  A OP1   1 
ATOM   66  O OP2   . DA  A 1 4  ? -2.867  -8.832  -2.852  1.00 22.56 ? 4  DA  A OP2   1 
ATOM   67  O "O5'" . DA  A 1 4  ? -4.302  -8.965  -4.921  1.00 24.52 ? 4  DA  A "O5'" 1 
ATOM   68  C "C5'" . DA  A 1 4  ? -4.010  -7.681  -5.408  1.00 20.89 ? 4  DA  A "C5'" 1 
ATOM   69  C "C4'" . DA  A 1 4  ? -5.294  -6.933  -5.511  1.00 16.10 ? 4  DA  A "C4'" 1 
ATOM   70  O "O4'" . DA  A 1 4  ? -5.870  -6.870  -4.223  1.00 10.11 ? 4  DA  A "O4'" 1 
ATOM   71  C "C3'" . DA  A 1 4  ? -5.042  -5.483  -5.820  1.00 18.65 ? 4  DA  A "C3'" 1 
ATOM   72  O "O3'" . DA  A 1 4  ? -4.615  -5.304  -7.167  1.00 25.72 ? 4  DA  A "O3'" 1 
ATOM   73  C "C2'" . DA  A 1 4  ? -6.358  -4.887  -5.422  1.00 10.20 ? 4  DA  A "C2'" 1 
ATOM   74  C "C1'" . DA  A 1 4  ? -6.584  -5.622  -4.126  1.00 8.24  ? 4  DA  A "C1'" 1 
ATOM   75  N N9    . DA  A 1 4  ? -6.243  -5.066  -2.793  1.00 7.11  ? 4  DA  A N9    1 
ATOM   76  C C8    . DA  A 1 4  ? -5.554  -5.758  -1.829  1.00 9.49  ? 4  DA  A C8    1 
ATOM   77  N N7    . DA  A 1 4  ? -5.464  -5.165  -0.673  1.00 11.28 ? 4  DA  A N7    1 
ATOM   78  C C5    . DA  A 1 4  ? -6.180  -3.993  -0.866  1.00 9.41  ? 4  DA  A C5    1 
ATOM   79  C C6    . DA  A 1 4  ? -6.436  -2.928  0.009   1.00 9.20  ? 4  DA  A C6    1 
ATOM   80  N N6    . DA  A 1 4  ? -5.984  -2.932  1.269   1.00 5.32  ? 4  DA  A N6    1 
ATOM   81  N N1    . DA  A 1 4  ? -7.154  -1.898  -0.474  1.00 10.42 ? 4  DA  A N1    1 
ATOM   82  C C2    . DA  A 1 4  ? -7.593  -1.975  -1.737  1.00 11.26 ? 4  DA  A C2    1 
ATOM   83  N N3    . DA  A 1 4  ? -7.414  -2.909  -2.669  1.00 9.64  ? 4  DA  A N3    1 
ATOM   84  C C4    . DA  A 1 4  ? -6.681  -3.918  -2.155  1.00 8.20  ? 4  DA  A C4    1 
ATOM   85  P P     . DT  A 1 5  ? -3.145  -4.752  -7.480  1.00 29.76 ? 5  DT  A P     1 
ATOM   86  O OP1   . DT  A 1 5  ? -2.836  -5.204  -8.852  1.00 30.12 ? 5  DT  A OP1   1 
ATOM   87  O OP2   . DT  A 1 5  ? -2.212  -5.057  -6.359  1.00 28.16 ? 5  DT  A OP2   1 
ATOM   88  O "O5'" . DT  A 1 5  ? -3.394  -3.195  -7.498  1.00 24.11 ? 5  DT  A "O5'" 1 
ATOM   89  C "C5'" . DT  A 1 5  ? -4.406  -2.643  -8.319  1.00 23.86 ? 5  DT  A "C5'" 1 
ATOM   90  C "C4'" . DT  A 1 5  ? -4.928  -1.484  -7.562  1.00 27.31 ? 5  DT  A "C4'" 1 
ATOM   91  O "O4'" . DT  A 1 5  ? -5.144  -1.970  -6.248  1.00 26.88 ? 5  DT  A "O4'" 1 
ATOM   92  C "C3'" . DT  A 1 5  ? -3.852  -0.438  -7.341  1.00 32.64 ? 5  DT  A "C3'" 1 
ATOM   93  O "O3'" . DT  A 1 5  ? -3.818  0.480   -8.422  1.00 39.71 ? 5  DT  A "O3'" 1 
ATOM   94  C "C2'" . DT  A 1 5  ? -4.310  0.212   -6.057  1.00 28.74 ? 5  DT  A "C2'" 1 
ATOM   95  C "C1'" . DT  A 1 5  ? -4.942  -0.887  -5.300  1.00 22.94 ? 5  DT  A "C1'" 1 
ATOM   96  N N1    . DT  A 1 5  ? -4.305  -1.274  -4.001  1.00 13.05 ? 5  DT  A N1    1 
ATOM   97  C C2    . DT  A 1 5  ? -4.584  -0.498  -2.900  1.00 7.18  ? 5  DT  A C2    1 
ATOM   98  O O2    . DT  A 1 5  ? -5.268  0.521   -2.940  1.00 2.00  ? 5  DT  A O2    1 
ATOM   99  N N3    . DT  A 1 5  ? -4.045  -0.941  -1.716  1.00 7.07  ? 5  DT  A N3    1 
ATOM   100 C C4    . DT  A 1 5  ? -3.277  -2.043  -1.519  1.00 6.24  ? 5  DT  A C4    1 
ATOM   101 O O4    . DT  A 1 5  ? -2.871  -2.317  -0.401  1.00 5.71  ? 5  DT  A O4    1 
ATOM   102 C C5    . DT  A 1 5  ? -3.039  -2.785  -2.700  1.00 5.57  ? 5  DT  A C5    1 
ATOM   103 C C7    . DT  A 1 5  ? -2.192  -4.006  -2.589  1.00 8.70  ? 5  DT  A C7    1 
ATOM   104 C C6    . DT  A 1 5  ? -3.540  -2.402  -3.882  1.00 9.33  ? 5  DT  A C6    1 
ATOM   105 P P     . DA  A 1 6  ? -2.707  1.638   -8.508  1.00 46.06 ? 6  DA  A P     1 
ATOM   106 O OP1   . DA  A 1 6  ? -3.093  2.478   -9.660  1.00 48.56 ? 6  DA  A OP1   1 
ATOM   107 O OP2   . DA  A 1 6  ? -1.358  1.024   -8.469  1.00 43.24 ? 6  DA  A OP2   1 
ATOM   108 O "O5'" . DA  A 1 6  ? -2.919  2.525   -7.193  1.00 43.26 ? 6  DA  A "O5'" 1 
ATOM   109 C "C5'" . DA  A 1 6  ? -4.087  3.365   -7.083  1.00 39.44 ? 6  DA  A "C5'" 1 
ATOM   110 C "C4'" . DA  A 1 6  ? -3.990  4.193   -5.818  1.00 36.14 ? 6  DA  A "C4'" 1 
ATOM   111 O "O4'" . DA  A 1 6  ? -3.844  3.369   -4.645  1.00 29.36 ? 6  DA  A "O4'" 1 
ATOM   112 C "C3'" . DA  A 1 6  ? -2.690  4.952   -5.961  1.00 35.02 ? 6  DA  A "C3'" 1 
ATOM   113 O "O3'" . DA  A 1 6  ? -2.885  6.351   -5.847  1.00 42.21 ? 6  DA  A "O3'" 1 
ATOM   114 C "C2'" . DA  A 1 6  ? -1.851  4.402   -4.860  1.00 27.66 ? 6  DA  A "C2'" 1 
ATOM   115 C "C1'" . DA  A 1 6  ? -2.790  3.883   -3.833  1.00 19.56 ? 6  DA  A "C1'" 1 
ATOM   116 N N9    . DA  A 1 6  ? -2.187  2.736   -3.163  1.00 10.80 ? 6  DA  A N9    1 
ATOM   117 C C8    . DA  A 1 6  ? -1.768  1.581   -3.743  1.00 11.07 ? 6  DA  A C8    1 
ATOM   118 N N7    . DA  A 1 6  ? -1.281  0.713   -2.894  1.00 10.54 ? 6  DA  A N7    1 
ATOM   119 C C5    . DA  A 1 6  ? -1.409  1.330   -1.680  1.00 6.04  ? 6  DA  A C5    1 
ATOM   120 C C6    . DA  A 1 6  ? -1.086  0.904   -0.398  1.00 7.53  ? 6  DA  A C6    1 
ATOM   121 N N6    . DA  A 1 6  ? -0.564  -0.303  -0.132  1.00 7.70  ? 6  DA  A N6    1 
ATOM   122 N N1    . DA  A 1 6  ? -1.305  1.781   0.577   1.00 7.43  ? 6  DA  A N1    1 
ATOM   123 C C2    . DA  A 1 6  ? -1.809  2.968   0.285   1.00 7.25  ? 6  DA  A C2    1 
ATOM   124 N N3    . DA  A 1 6  ? -2.177  3.466   -0.865  1.00 6.22  ? 6  DA  A N3    1 
ATOM   125 C C4    . DA  A 1 6  ? -1.943  2.576   -1.829  1.00 6.12  ? 6  DA  A C4    1 
ATOM   126 P P     . DT  A 1 7  ? -1.682  7.401   -6.152  1.00 47.52 ? 7  DT  A P     1 
ATOM   127 O OP1   . DT  A 1 7  ? -2.321  8.582   -6.798  1.00 46.02 ? 7  DT  A OP1   1 
ATOM   128 O OP2   . DT  A 1 7  ? -0.530  6.729   -6.826  1.00 45.37 ? 7  DT  A OP2   1 
ATOM   129 O "O5'" . DT  A 1 7  ? -1.221  7.707   -4.646  1.00 41.11 ? 7  DT  A "O5'" 1 
ATOM   130 C "C5'" . DT  A 1 7  ? -2.089  8.441   -3.800  1.00 33.95 ? 7  DT  A "C5'" 1 
ATOM   131 C "C4'" . DT  A 1 7  ? -1.390  8.811   -2.518  1.00 30.15 ? 7  DT  A "C4'" 1 
ATOM   132 O "O4'" . DT  A 1 7  ? -1.048  7.629   -1.773  1.00 28.76 ? 7  DT  A "O4'" 1 
ATOM   133 C "C3'" . DT  A 1 7  ? -0.076  9.542   -2.743  1.00 28.75 ? 7  DT  A "C3'" 1 
ATOM   134 O "O3'" . DT  A 1 7  ? 0.193   10.358  -1.631  1.00 30.14 ? 7  DT  A "O3'" 1 
ATOM   135 C "C2'" . DT  A 1 7  ? 0.930   8.453   -2.609  1.00 26.97 ? 7  DT  A "C2'" 1 
ATOM   136 C "C1'" . DT  A 1 7  ? 0.354   7.605   -1.495  1.00 20.72 ? 7  DT  A "C1'" 1 
ATOM   137 N N1    . DT  A 1 7  ? 0.785   6.212   -1.545  1.00 14.05 ? 7  DT  A N1    1 
ATOM   138 C C2    . DT  A 1 7  ? 0.994   5.585   -0.340  1.00 15.13 ? 7  DT  A C2    1 
ATOM   139 O O2    . DT  A 1 7  ? 0.831   6.119   0.762   1.00 14.13 ? 7  DT  A O2    1 
ATOM   140 N N3    . DT  A 1 7  ? 1.393   4.270   -0.444  1.00 14.20 ? 7  DT  A N3    1 
ATOM   141 C C4    . DT  A 1 7  ? 1.580   3.553   -1.627  1.00 13.38 ? 7  DT  A C4    1 
ATOM   142 O O4    . DT  A 1 7  ? 1.910   2.360   -1.630  1.00 14.08 ? 7  DT  A O4    1 
ATOM   143 C C5    . DT  A 1 7  ? 1.340   4.304   -2.811  1.00 13.25 ? 7  DT  A C5    1 
ATOM   144 C C7    . DT  A 1 7  ? 1.529   3.621   -4.139  1.00 16.73 ? 7  DT  A C7    1 
ATOM   145 C C6    . DT  A 1 7  ? 0.947   5.576   -2.742  1.00 11.87 ? 7  DT  A C6    1 
ATOM   146 P P     . DA  A 1 8  ? -0.296  11.838  -1.602  1.00 33.29 ? 8  DA  A P     1 
ATOM   147 O OP1   . DA  A 1 8  ? -0.482  12.103  -0.151  1.00 29.59 ? 8  DA  A OP1   1 
ATOM   148 O OP2   . DA  A 1 8  ? -1.436  12.043  -2.530  1.00 28.40 ? 8  DA  A OP2   1 
ATOM   149 O "O5'" . DA  A 1 8  ? 1.047   12.596  -2.205  1.00 30.16 ? 8  DA  A "O5'" 1 
ATOM   150 C "C5'" . DA  A 1 8  ? 1.435   12.484  -3.602  1.00 29.20 ? 8  DA  A "C5'" 1 
ATOM   151 C "C4'" . DA  A 1 8  ? 2.897   12.843  -3.992  1.00 29.43 ? 8  DA  A "C4'" 1 
ATOM   152 O "O4'" . DA  A 1 8  ? 3.051   14.205  -4.435  1.00 27.06 ? 8  DA  A "O4'" 1 
ATOM   153 C "C3'" . DA  A 1 8  ? 3.860   12.671  -2.820  1.00 32.04 ? 8  DA  A "C3'" 1 
ATOM   154 O "O3'" . DA  A 1 8  ? 5.206   12.313  -3.185  1.00 35.61 ? 8  DA  A "O3'" 1 
ATOM   155 C "C2'" . DA  A 1 8  ? 3.864   14.068  -2.321  1.00 28.51 ? 8  DA  A "C2'" 1 
ATOM   156 C "C1'" . DA  A 1 8  ? 3.985   14.864  -3.584  1.00 26.07 ? 8  DA  A "C1'" 1 
ATOM   157 N N9    . DA  A 1 8  ? 3.785   16.329  -3.452  1.00 26.00 ? 8  DA  A N9    1 
ATOM   158 C C8    . DA  A 1 8  ? 3.366   17.206  -4.413  1.00 23.32 ? 8  DA  A C8    1 
ATOM   159 N N7    . DA  A 1 8  ? 3.321   18.456  -4.052  1.00 22.71 ? 8  DA  A N7    1 
ATOM   160 C C5    . DA  A 1 8  ? 3.726   18.390  -2.723  1.00 26.46 ? 8  DA  A C5    1 
ATOM   161 C C6    . DA  A 1 8  ? 3.885   19.369  -1.738  1.00 28.63 ? 8  DA  A C6    1 
ATOM   162 N N6    . DA  A 1 8  ? 3.641   20.662  -1.966  1.00 32.82 ? 8  DA  A N6    1 
ATOM   163 N N1    . DA  A 1 8  ? 4.300   18.986  -0.522  1.00 28.37 ? 8  DA  A N1    1 
ATOM   164 C C2    . DA  A 1 8  ? 4.558   17.718  -0.294  1.00 26.05 ? 8  DA  A C2    1 
ATOM   165 N N3    . DA  A 1 8  ? 4.459   16.715  -1.133  1.00 25.24 ? 8  DA  A N3    1 
ATOM   166 C C4    . DA  A 1 8  ? 4.020   17.114  -2.350  1.00 25.26 ? 8  DA  A C4    1 
ATOM   167 P P     . C   A 1 9  ? 5.556   10.743  -3.497  1.00 41.55 ? 9  C   A P     1 
ATOM   168 O OP1   . C   A 1 9  ? 7.039   10.664  -3.674  1.00 40.38 ? 9  C   A OP1   1 
ATOM   169 O OP2   . C   A 1 9  ? 4.650   10.223  -4.559  1.00 41.97 ? 9  C   A OP2   1 
ATOM   170 O "O5'" . C   A 1 9  ? 5.140   9.918   -2.177  1.00 34.57 ? 9  C   A "O5'" 1 
ATOM   171 C "C5'" . C   A 1 9  ? 5.940   10.030  -1.024  1.00 24.69 ? 9  C   A "C5'" 1 
ATOM   172 C "C4'" . C   A 1 9  ? 5.241   9.592   0.230   1.00 20.18 ? 9  C   A "C4'" 1 
ATOM   173 O "O4'" . C   A 1 9  ? 4.351   8.499   0.035   1.00 15.52 ? 9  C   A "O4'" 1 
ATOM   174 C "C3'" . C   A 1 9  ? 6.299   8.897   0.991   1.00 20.77 ? 9  C   A "C3'" 1 
ATOM   175 O "O3'" . C   A 1 9  ? 7.268   9.771   1.536   1.00 23.11 ? 9  C   A "O3'" 1 
ATOM   176 C "C2'" . C   A 1 9  ? 5.642   7.968   1.936   1.00 18.94 ? 9  C   A "C2'" 1 
ATOM   177 O "O2'" . C   A 1 9  ? 5.227   8.534   3.178   1.00 21.23 ? 9  C   A "O2'" 1 
ATOM   178 C "C1'" . C   A 1 9  ? 4.482   7.513   1.079   1.00 13.34 ? 9  C   A "C1'" 1 
ATOM   179 N N1    . C   A 1 9  ? 4.745   6.184   0.469   1.00 10.66 ? 9  C   A N1    1 
ATOM   180 C C2    . C   A 1 9  ? 4.909   5.061   1.295   1.00 7.98  ? 9  C   A C2    1 
ATOM   181 O O2    . C   A 1 9  ? 4.854   5.129   2.529   1.00 4.41  ? 9  C   A O2    1 
ATOM   182 N N3    . C   A 1 9  ? 5.160   3.863   0.695   1.00 2.00  ? 9  C   A N3    1 
ATOM   183 C C4    . C   A 1 9  ? 5.237   3.788   -0.644  1.00 3.19  ? 9  C   A C4    1 
ATOM   184 N N4    . C   A 1 9  ? 5.466   2.622   -1.224  1.00 4.44  ? 9  C   A N4    1 
ATOM   185 C C5    . C   A 1 9  ? 5.069   4.908   -1.502  1.00 4.20  ? 9  C   A C5    1 
ATOM   186 C C6    . C   A 1 9  ? 4.812   6.077   -0.899  1.00 9.58  ? 9  C   A C6    1 
ATOM   187 P P     . G   A 1 10 ? 8.741   9.621   0.903   1.00 23.87 ? 10 G   A P     1 
ATOM   188 O OP1   . G   A 1 10 ? 9.402   10.920  1.081   1.00 25.98 ? 10 G   A OP1   1 
ATOM   189 O OP2   . G   A 1 10 ? 8.672   9.045   -0.468  1.00 22.21 ? 10 G   A OP2   1 
ATOM   190 O "O5'" . G   A 1 10 ? 9.391   8.532   1.904   1.00 18.07 ? 10 G   A "O5'" 1 
ATOM   191 C "C5'" . G   A 1 10 ? 9.538   8.909   3.272   1.00 17.36 ? 10 G   A "C5'" 1 
ATOM   192 C "C4'" . G   A 1 10 ? 9.668   7.722   4.203   1.00 17.14 ? 10 G   A "C4'" 1 
ATOM   193 O "O4'" . G   A 1 10 ? 8.616   6.793   4.005   1.00 17.52 ? 10 G   A "O4'" 1 
ATOM   194 C "C3'" . G   A 1 10 ? 10.872  6.943   3.847   1.00 20.15 ? 10 G   A "C3'" 1 
ATOM   195 O "O3'" . G   A 1 10 ? 11.980  7.592   4.417   1.00 25.98 ? 10 G   A "O3'" 1 
ATOM   196 C "C2'" . G   A 1 10 ? 10.566  5.562   4.399   1.00 18.28 ? 10 G   A "C2'" 1 
ATOM   197 O "O2'" . G   A 1 10 ? 10.606  5.408   5.820   1.00 21.44 ? 10 G   A "O2'" 1 
ATOM   198 C "C1'" . G   A 1 10 ? 9.126   5.452   3.995   1.00 13.61 ? 10 G   A "C1'" 1 
ATOM   199 N N9    . G   A 1 10 ? 9.016   4.779   2.708   1.00 5.28  ? 10 G   A N9    1 
ATOM   200 C C8    . G   A 1 10 ? 8.690   5.291   1.489   1.00 5.43  ? 10 G   A C8    1 
ATOM   201 N N7    . G   A 1 10 ? 8.679   4.418   0.527   1.00 4.68  ? 10 G   A N7    1 
ATOM   202 C C5    . G   A 1 10 ? 9.044   3.252   1.158   1.00 3.22  ? 10 G   A C5    1 
ATOM   203 C C6    . G   A 1 10 ? 9.225   1.982   0.589   1.00 6.08  ? 10 G   A C6    1 
ATOM   204 O O6    . G   A 1 10 ? 9.076   1.660   -0.594  1.00 5.11  ? 10 G   A O6    1 
ATOM   205 N N1    . G   A 1 10 ? 9.619   1.072   1.570   1.00 6.02  ? 10 G   A N1    1 
ATOM   206 C C2    . G   A 1 10 ? 9.803   1.364   2.899   1.00 7.53  ? 10 G   A C2    1 
ATOM   207 N N2    . G   A 1 10 ? 10.174  0.373   3.717   1.00 11.24 ? 10 G   A N2    1 
ATOM   208 N N3    . G   A 1 10 ? 9.610   2.579   3.412   1.00 2.52  ? 10 G   A N3    1 
ATOM   209 C C4    . G   A 1 10 ? 9.243   3.463   2.483   1.00 2.00  ? 10 G   A C4    1 
ATOM   210 P P     . C   A 1 11 ? 13.375  7.793   3.659   1.00 30.91 ? 11 C   A P     1 
ATOM   211 O OP1   . C   A 1 11 ? 14.115  8.844   4.401   1.00 36.11 ? 11 C   A OP1   1 
ATOM   212 O OP2   . C   A 1 11 ? 13.220  7.940   2.188   1.00 30.78 ? 11 C   A OP2   1 
ATOM   213 O "O5'" . C   A 1 11 ? 14.074  6.402   3.902   1.00 26.17 ? 11 C   A "O5'" 1 
ATOM   214 C "C5'" . C   A 1 11 ? 14.219  5.863   5.198   1.00 25.15 ? 11 C   A "C5'" 1 
ATOM   215 C "C4'" . C   A 1 11 ? 14.258  4.389   4.991   1.00 25.21 ? 11 C   A "C4'" 1 
ATOM   216 O "O4'" . C   A 1 11 ? 13.178  4.014   4.163   1.00 22.57 ? 11 C   A "O4'" 1 
ATOM   217 C "C3'" . C   A 1 11 ? 15.402  3.947   4.109   1.00 25.49 ? 11 C   A "C3'" 1 
ATOM   218 O "O3'" . C   A 1 11 ? 16.677  3.880   4.756   1.00 33.11 ? 11 C   A "O3'" 1 
ATOM   219 C "C2'" . C   A 1 11 ? 14.953  2.556   3.765   1.00 23.65 ? 11 C   A "C2'" 1 
ATOM   220 O "O2'" . C   A 1 11 ? 15.114  1.669   4.878   1.00 25.51 ? 11 C   A "O2'" 1 
ATOM   221 C "C1'" . C   A 1 11 ? 13.477  2.749   3.587   1.00 18.88 ? 11 C   A "C1'" 1 
ATOM   222 N N1    . C   A 1 11 ? 13.080  2.641   2.189   1.00 13.81 ? 11 C   A N1    1 
ATOM   223 C C2    . C   A 1 11 ? 13.023  1.391   1.597   1.00 15.62 ? 11 C   A C2    1 
ATOM   224 O O2    . C   A 1 11 ? 13.277  0.367   2.223   1.00 19.11 ? 11 C   A O2    1 
ATOM   225 N N3    . C   A 1 11 ? 12.676  1.312   0.283   1.00 14.51 ? 11 C   A N3    1 
ATOM   226 C C4    . C   A 1 11 ? 12.392  2.426   -0.413  1.00 10.67 ? 11 C   A C4    1 
ATOM   227 N N4    . C   A 1 11 ? 12.046  2.338   -1.693  1.00 12.29 ? 11 C   A N4    1 
ATOM   228 C C5    . C   A 1 11 ? 12.446  3.713   0.193   1.00 10.09 ? 11 C   A C5    1 
ATOM   229 C C6    . C   A 1 11 ? 12.808  3.765   1.489   1.00 11.59 ? 11 C   A C6    1 
HETATM 230 O O     . HOH B 2 .  ? -0.865  -2.700  -10.460 1.00 38.07 ? 12 HOH A O     1 
HETATM 231 O O     . HOH B 2 .  ? 1.449   8.465   5.249   1.00 35.62 ? 13 HOH A O     1 
HETATM 232 O O     . HOH B 2 .  ? 5.770   2.894   -4.376  1.00 15.70 ? 14 HOH A O     1 
HETATM 233 O O     . HOH B 2 .  ? -7.650  -6.806  -10.406 1.00 49.50 ? 15 HOH A O     1 
HETATM 234 O O     . HOH B 2 .  ? -1.071  -9.837  6.642   1.00 42.53 ? 16 HOH A O     1 
HETATM 235 O O     . HOH B 2 .  ? -4.815  -7.407  4.615   1.00 30.06 ? 17 HOH A O     1 
HETATM 236 O O     . HOH B 2 .  ? -11.678 -6.121  6.674   1.00 34.47 ? 18 HOH A O     1 
HETATM 237 O O     . HOH B 2 .  ? -3.789  -4.921  2.869   1.00 50.66 ? 19 HOH A O     1 
HETATM 238 O O     . HOH B 2 .  ? 3.712   -0.984  -5.518  1.00 22.22 ? 20 HOH A O     1 
HETATM 239 O O     . HOH B 2 .  ? 1.147   -2.313  -3.649  1.00 43.42 ? 21 HOH A O     1 
HETATM 240 O O     . HOH B 2 .  ? -9.432  -13.419 -1.261  1.00 35.55 ? 22 HOH A O     1 
HETATM 241 O O     . HOH B 2 .  ? 4.937   8.925   6.136   1.00 39.42 ? 23 HOH A O     1 
HETATM 242 O O     . HOH B 2 .  ? 16.511  11.015  5.724   1.00 18.38 ? 24 HOH A O     1 
HETATM 243 O O     . HOH B 2 .  ? -2.378  6.243   1.623   1.00 63.36 ? 25 HOH A O     1 
HETATM 244 O O     . HOH B 2 .  ? 1.012   5.095   -9.707  1.00 46.76 ? 26 HOH A O     1 
HETATM 245 O O     . HOH B 2 .  ? 16.983  -0.430  5.033   1.00 43.19 ? 27 HOH A O     1 
HETATM 246 O O     . HOH B 2 .  ? 14.312  4.403   10.216  0.50 22.96 ? 28 HOH A O     1 
HETATM 247 O O     . HOH B 2 .  ? -1.014  -8.403  9.275   1.00 55.63 ? 29 HOH A O     1 
HETATM 248 O O     . HOH B 2 .  ? -6.165  -5.044  4.920   1.00 52.77 ? 30 HOH A O     1 
HETATM 249 O O     . HOH B 2 .  ? -1.874  -7.254  0.700   1.00 33.60 ? 31 HOH A O     1 
HETATM 250 O O     . HOH B 2 .  ? 8.684   4.043   -2.307  1.00 23.61 ? 32 HOH A O     1 
HETATM 251 O O     . HOH B 2 .  ? 7.025   6.237   -8.358  1.00 59.08 ? 33 HOH A O     1 
HETATM 252 O O     . HOH B 2 .  ? 1.993   13.964  9.248   1.00 21.92 ? 34 HOH A O     1 
# 
